data_7Q6H
#
_entry.id   7Q6H
#
_cell.length_a   47.120
_cell.length_b   75.244
_cell.length_c   89.449
_cell.angle_alpha   90.000
_cell.angle_beta   90.000
_cell.angle_gamma   90.000
#
_symmetry.space_group_name_H-M   'P 21 21 21'
#
loop_
_entity.id
_entity.type
_entity.pdbx_description
1 polymer 'Tyrosine-protein kinase JAK3'
2 non-polymer 1-[4-[[2-[(1-methylpyrazol-4-yl)amino]quinazolin-8-yl]amino]piperidin-1-yl]ethanone
3 non-polymer 'SULFATE ION'
4 non-polymer 1-phenylurea
5 water water
#
_entity_poly.entity_id   1
_entity_poly.type   'polypeptide(L)'
_entity_poly.pdbx_seq_one_letter_code
;MGHHHHHHAQLYACQDPTIFEERHLKYISQLGKGNFGSVELCRYDPLGDNTGALVAVKQLQHSGPDQQRDFQREIQILKA
LHSDFIVKYRGVSYGPGRQSLRLVMEYLPSGCLRDFLQRHRARLDASRLLLYSSQICKGMEYLGSRRCVHRDLAARNILV
ESEAHVKIADFGLAKLLPLDKDYYVVREPGQSPIFWYAPESLSDNIFSRQSDVWSFGVVLYELFTYCDKSCSPSAEFLRM
MGSERDVPALSRLLELLEEGQRLPAPPACPAEVHELMKLCWAPSPQDRPSFSALGPQLDMLWSGSRGCETHAFTAHPEGK
HHSLSFS
;
_entity_poly.pdbx_strand_id   AAA
#
# COMPACT_ATOMS: atom_id res chain seq x y z
N PRO A 17 -17.48 3.32 -21.26
CA PRO A 17 -16.17 3.97 -21.05
C PRO A 17 -15.36 3.24 -19.96
N THR A 18 -16.07 2.63 -19.01
CA THR A 18 -15.51 1.84 -17.88
C THR A 18 -15.62 0.35 -18.21
N ILE A 19 -15.98 -0.01 -19.43
CA ILE A 19 -16.02 -1.43 -19.91
C ILE A 19 -14.97 -1.58 -21.02
N PHE A 20 -14.01 -2.48 -20.81
CA PHE A 20 -12.89 -2.77 -21.74
C PHE A 20 -13.14 -4.13 -22.37
N GLU A 21 -13.06 -4.21 -23.70
CA GLU A 21 -13.22 -5.48 -24.46
C GLU A 21 -11.90 -6.25 -24.34
N GLU A 22 -11.97 -7.52 -23.95
CA GLU A 22 -10.80 -8.43 -23.81
C GLU A 22 -9.94 -8.41 -25.08
N ARG A 23 -10.55 -8.46 -26.26
N ARG A 23 -10.59 -8.46 -26.25
CA ARG A 23 -9.78 -8.61 -27.54
CA ARG A 23 -9.92 -8.56 -27.57
C ARG A 23 -9.02 -7.32 -27.85
C ARG A 23 -9.01 -7.34 -27.81
N HIS A 24 -9.31 -6.20 -27.18
CA HIS A 24 -8.58 -4.92 -27.38
C HIS A 24 -7.44 -4.75 -26.36
N LEU A 25 -7.36 -5.59 -25.33
CA LEU A 25 -6.31 -5.50 -24.28
C LEU A 25 -5.15 -6.37 -24.73
N LYS A 26 -4.03 -5.74 -25.10
CA LYS A 26 -2.86 -6.45 -25.66
C LYS A 26 -1.83 -6.62 -24.54
N TYR A 27 -1.43 -7.86 -24.26
CA TYR A 27 -0.45 -8.17 -23.20
C TYR A 27 0.93 -7.64 -23.61
N ILE A 28 1.62 -6.98 -22.68
CA ILE A 28 3.03 -6.52 -22.90
C ILE A 28 3.96 -7.25 -21.92
N SER A 29 3.72 -7.12 -20.62
CA SER A 29 4.66 -7.60 -19.59
C SER A 29 3.98 -7.75 -18.22
N GLN A 30 4.68 -8.42 -17.31
CA GLN A 30 4.35 -8.49 -15.86
C GLN A 30 4.82 -7.22 -15.16
N LEU A 31 4.01 -6.67 -14.27
CA LEU A 31 4.39 -5.54 -13.38
C LEU A 31 4.60 -6.05 -11.96
N GLY A 32 3.82 -7.02 -11.53
CA GLY A 32 4.04 -7.64 -10.22
C GLY A 32 2.99 -8.67 -9.90
N LYS A 33 3.04 -9.21 -8.69
CA LYS A 33 2.14 -10.31 -8.27
C LYS A 33 2.12 -10.35 -6.74
N GLY A 34 1.18 -11.11 -6.19
CA GLY A 34 1.00 -11.32 -4.74
C GLY A 34 -0.46 -11.50 -4.39
N ASN A 35 -0.73 -12.21 -3.29
CA ASN A 35 -2.11 -12.39 -2.77
C ASN A 35 -2.99 -12.94 -3.90
N PHE A 36 -2.50 -13.97 -4.61
CA PHE A 36 -3.25 -14.78 -5.60
C PHE A 36 -3.55 -13.96 -6.87
N GLY A 37 -2.93 -12.79 -7.02
CA GLY A 37 -3.21 -11.84 -8.11
C GLY A 37 -1.95 -11.51 -8.89
N SER A 38 -2.11 -11.16 -10.16
CA SER A 38 -1.04 -10.59 -11.00
C SER A 38 -1.51 -9.24 -11.53
N VAL A 39 -0.58 -8.30 -11.71
CA VAL A 39 -0.82 -7.03 -12.44
C VAL A 39 0.07 -7.07 -13.70
N GLU A 40 -0.56 -6.87 -14.85
CA GLU A 40 0.11 -6.91 -16.18
C GLU A 40 0.06 -5.52 -16.80
N LEU A 41 1.13 -5.13 -17.49
CA LEU A 41 1.11 -3.98 -18.40
C LEU A 41 0.46 -4.43 -19.69
N CYS A 42 -0.62 -3.77 -20.09
CA CYS A 42 -1.33 -4.03 -21.35
C CYS A 42 -1.42 -2.73 -22.12
N ARG A 43 -1.61 -2.81 -23.43
CA ARG A 43 -2.08 -1.64 -24.22
C ARG A 43 -3.55 -1.84 -24.51
N TYR A 44 -4.40 -0.84 -24.24
CA TYR A 44 -5.80 -0.90 -24.72
C TYR A 44 -5.78 -0.33 -26.14
N ASP A 45 -5.88 -1.22 -27.11
CA ASP A 45 -5.47 -0.94 -28.51
C ASP A 45 -6.59 -1.31 -29.47
N PRO A 46 -7.75 -0.62 -29.39
CA PRO A 46 -8.89 -0.92 -30.26
C PRO A 46 -8.57 -0.72 -31.75
N LEU A 47 -7.58 0.12 -32.10
CA LEU A 47 -7.13 0.31 -33.51
C LEU A 47 -6.18 -0.81 -33.94
N GLY A 48 -5.60 -1.54 -32.99
CA GLY A 48 -4.72 -2.70 -33.27
C GLY A 48 -3.41 -2.30 -33.94
N ASP A 49 -3.00 -1.03 -33.79
CA ASP A 49 -1.84 -0.46 -34.52
C ASP A 49 -0.74 -0.06 -33.54
N ASN A 50 -0.86 -0.46 -32.26
CA ASN A 50 0.10 -0.18 -31.16
C ASN A 50 0.12 1.30 -30.74
N THR A 51 -0.91 2.08 -31.06
CA THR A 51 -0.99 3.52 -30.70
C THR A 51 -1.84 3.73 -29.44
N GLY A 52 -2.61 2.73 -29.02
CA GLY A 52 -3.49 2.82 -27.83
C GLY A 52 -2.73 3.13 -26.54
N ALA A 53 -3.46 3.54 -25.50
CA ALA A 53 -2.92 3.92 -24.17
C ALA A 53 -2.52 2.66 -23.38
N LEU A 54 -1.48 2.80 -22.58
CA LEU A 54 -1.03 1.73 -21.65
C LEU A 54 -1.91 1.76 -20.39
N VAL A 55 -2.23 0.58 -19.86
CA VAL A 55 -3.06 0.40 -18.65
C VAL A 55 -2.42 -0.72 -17.81
N ALA A 56 -2.61 -0.66 -16.50
CA ALA A 56 -2.23 -1.72 -15.55
C ALA A 56 -3.49 -2.55 -15.31
N VAL A 57 -3.40 -3.87 -15.48
CA VAL A 57 -4.57 -4.77 -15.50
C VAL A 57 -4.34 -5.86 -14.47
N LYS A 58 -5.23 -5.94 -13.48
CA LYS A 58 -5.13 -6.97 -12.44
C LYS A 58 -6.14 -8.06 -12.74
N GLN A 59 -5.72 -9.30 -12.52
CA GLN A 59 -6.56 -10.51 -12.64
C GLN A 59 -6.09 -11.46 -11.55
N LEU A 60 -6.93 -12.41 -11.17
CA LEU A 60 -6.45 -13.57 -10.39
C LEU A 60 -5.39 -14.30 -11.23
N GLN A 61 -4.37 -14.87 -10.59
CA GLN A 61 -3.35 -15.71 -11.28
C GLN A 61 -4.04 -16.98 -11.77
N HIS A 62 -4.94 -17.54 -10.96
CA HIS A 62 -5.78 -18.73 -11.30
C HIS A 62 -7.14 -18.59 -10.61
N SER A 63 -8.16 -19.28 -11.13
CA SER A 63 -9.56 -19.28 -10.62
C SER A 63 -9.61 -19.81 -9.18
N GLY A 64 -10.58 -19.34 -8.40
CA GLY A 64 -10.83 -19.78 -7.01
C GLY A 64 -11.99 -18.99 -6.40
N PRO A 65 -13.06 -19.66 -5.94
CA PRO A 65 -14.24 -18.99 -5.38
C PRO A 65 -13.95 -17.91 -4.34
N ASP A 66 -13.11 -18.21 -3.34
CA ASP A 66 -12.76 -17.27 -2.24
C ASP A 66 -12.01 -16.07 -2.84
N GLN A 67 -11.00 -16.34 -3.68
CA GLN A 67 -10.16 -15.29 -4.34
C GLN A 67 -11.08 -14.43 -5.22
N GLN A 68 -12.09 -15.03 -5.86
CA GLN A 68 -13.04 -14.32 -6.76
C GLN A 68 -13.90 -13.36 -5.94
N ARG A 69 -14.40 -13.80 -4.78
CA ARG A 69 -15.21 -12.96 -3.86
C ARG A 69 -14.36 -11.77 -3.42
N ASP A 70 -13.11 -12.04 -3.02
CA ASP A 70 -12.14 -11.02 -2.57
C ASP A 70 -11.87 -10.04 -3.72
N PHE A 71 -11.75 -10.54 -4.95
CA PHE A 71 -11.44 -9.74 -6.17
C PHE A 71 -12.61 -8.78 -6.47
N GLN A 72 -13.85 -9.28 -6.46
CA GLN A 72 -15.04 -8.42 -6.69
C GLN A 72 -15.11 -7.34 -5.59
N ARG A 73 -14.78 -7.67 -4.35
CA ARG A 73 -14.73 -6.69 -3.23
C ARG A 73 -13.69 -5.61 -3.56
N GLU A 74 -12.51 -6.02 -4.03
CA GLU A 74 -11.40 -5.09 -4.35
C GLU A 74 -11.85 -4.10 -5.43
N ILE A 75 -12.52 -4.60 -6.47
CA ILE A 75 -13.02 -3.78 -7.60
C ILE A 75 -14.02 -2.75 -7.05
N GLN A 76 -15.00 -3.21 -6.26
CA GLN A 76 -16.07 -2.34 -5.70
C GLN A 76 -15.44 -1.27 -4.79
N ILE A 77 -14.41 -1.62 -4.02
CA ILE A 77 -13.70 -0.64 -3.15
C ILE A 77 -12.98 0.40 -4.03
N LEU A 78 -12.14 -0.05 -4.98
CA LEU A 78 -11.30 0.91 -5.75
C LEU A 78 -12.17 1.79 -6.65
N LYS A 79 -13.23 1.24 -7.23
CA LYS A 79 -14.18 1.98 -8.11
C LYS A 79 -14.74 3.21 -7.36
N ALA A 80 -14.95 3.09 -6.05
CA ALA A 80 -15.61 4.12 -5.22
C ALA A 80 -14.58 5.06 -4.58
N LEU A 81 -13.28 4.86 -4.83
CA LEU A 81 -12.20 5.74 -4.29
C LEU A 81 -11.82 6.77 -5.37
N HIS A 82 -11.92 8.06 -5.03
CA HIS A 82 -11.57 9.21 -5.90
C HIS A 82 -10.63 10.15 -5.16
N SER A 83 -9.32 10.00 -5.38
CA SER A 83 -8.27 10.78 -4.68
C SER A 83 -7.05 10.92 -5.58
N ASP A 84 -6.42 12.10 -5.56
CA ASP A 84 -5.11 12.36 -6.20
C ASP A 84 -4.04 11.40 -5.65
N PHE A 85 -4.29 10.76 -4.51
CA PHE A 85 -3.27 9.94 -3.79
C PHE A 85 -3.67 8.47 -3.75
N ILE A 86 -4.64 8.08 -4.57
CA ILE A 86 -5.08 6.65 -4.72
CA ILE A 86 -5.04 6.65 -4.73
C ILE A 86 -5.03 6.30 -6.21
N VAL A 87 -4.38 5.19 -6.56
CA VAL A 87 -4.28 4.73 -7.98
C VAL A 87 -5.68 4.73 -8.60
N LYS A 88 -5.80 5.20 -9.84
CA LYS A 88 -7.09 5.46 -10.51
C LYS A 88 -7.66 4.17 -11.11
N TYR A 89 -8.86 3.81 -10.69
CA TYR A 89 -9.75 2.83 -11.36
C TYR A 89 -10.14 3.37 -12.73
N ARG A 90 -10.02 2.54 -13.78
N ARG A 90 -10.01 2.54 -13.77
CA ARG A 90 -10.45 2.89 -15.16
CA ARG A 90 -10.44 2.87 -15.17
C ARG A 90 -11.69 2.08 -15.56
C ARG A 90 -11.68 2.08 -15.55
N GLY A 91 -11.76 0.79 -15.20
CA GLY A 91 -12.91 -0.04 -15.55
C GLY A 91 -12.64 -1.51 -15.33
N VAL A 92 -13.48 -2.33 -15.94
CA VAL A 92 -13.36 -3.81 -15.84
C VAL A 92 -13.52 -4.41 -17.24
N SER A 93 -12.98 -5.61 -17.38
CA SER A 93 -13.30 -6.56 -18.47
CA SER A 93 -13.30 -6.56 -18.47
CA SER A 93 -13.29 -6.57 -18.47
C SER A 93 -14.02 -7.76 -17.85
N TYR A 94 -15.04 -8.29 -18.53
CA TYR A 94 -15.91 -9.36 -17.96
C TYR A 94 -15.59 -10.74 -18.56
N GLY A 95 -15.55 -11.75 -17.69
CA GLY A 95 -15.66 -13.18 -18.06
C GLY A 95 -17.12 -13.55 -18.29
N PRO A 96 -17.50 -14.84 -18.11
CA PRO A 96 -18.90 -15.25 -18.23
C PRO A 96 -19.82 -14.50 -17.25
N GLY A 97 -21.02 -14.14 -17.72
CA GLY A 97 -22.05 -13.44 -16.91
C GLY A 97 -21.53 -12.14 -16.34
N ARG A 98 -21.68 -11.95 -15.02
N ARG A 98 -21.68 -11.96 -15.02
CA ARG A 98 -21.27 -10.73 -14.28
CA ARG A 98 -21.28 -10.74 -14.27
C ARG A 98 -19.94 -10.96 -13.57
C ARG A 98 -19.93 -10.96 -13.57
N GLN A 99 -19.27 -12.10 -13.82
CA GLN A 99 -17.93 -12.41 -13.24
C GLN A 99 -16.91 -11.43 -13.81
N SER A 100 -16.31 -10.60 -12.93
CA SER A 100 -15.18 -9.70 -13.27
C SER A 100 -13.96 -10.56 -13.60
N LEU A 101 -13.39 -10.37 -14.79
CA LEU A 101 -12.16 -11.06 -15.22
C LEU A 101 -10.96 -10.17 -14.91
N ARG A 102 -11.02 -8.89 -15.31
CA ARG A 102 -9.87 -7.98 -15.10
C ARG A 102 -10.32 -6.62 -14.59
N LEU A 103 -9.51 -6.08 -13.68
CA LEU A 103 -9.61 -4.72 -13.11
C LEU A 103 -8.61 -3.87 -13.88
N VAL A 104 -9.10 -2.87 -14.63
CA VAL A 104 -8.25 -1.98 -15.47
C VAL A 104 -8.02 -0.68 -14.69
N MET A 105 -6.75 -0.30 -14.54
CA MET A 105 -6.29 0.85 -13.74
C MET A 105 -5.33 1.67 -14.59
N GLU A 106 -5.10 2.93 -14.23
CA GLU A 106 -4.04 3.75 -14.86
C GLU A 106 -2.70 3.04 -14.70
N TYR A 107 -1.81 3.22 -15.66
CA TYR A 107 -0.41 2.73 -15.61
C TYR A 107 0.51 3.89 -15.20
N LEU A 108 1.28 3.67 -14.13
CA LEU A 108 2.31 4.62 -13.63
CA LEU A 108 2.31 4.61 -13.61
C LEU A 108 3.68 4.02 -13.93
N PRO A 109 4.34 4.47 -15.02
CA PRO A 109 5.57 3.84 -15.49
C PRO A 109 6.71 3.80 -14.47
N SER A 110 6.75 4.77 -13.53
CA SER A 110 7.85 4.87 -12.53
C SER A 110 7.78 3.74 -11.51
N GLY A 111 6.65 3.02 -11.41
CA GLY A 111 6.54 1.80 -10.60
C GLY A 111 6.52 2.10 -9.11
N CYS A 112 6.93 1.15 -8.27
CA CYS A 112 6.67 1.23 -6.82
C CYS A 112 7.71 2.14 -6.16
N LEU A 113 7.29 2.79 -5.08
CA LEU A 113 8.12 3.77 -4.32
C LEU A 113 9.38 3.07 -3.82
N ARG A 114 9.29 1.79 -3.40
CA ARG A 114 10.45 1.03 -2.85
C ARG A 114 11.59 1.07 -3.86
N ASP A 115 11.29 0.73 -5.12
N ASP A 115 11.31 0.74 -5.12
CA ASP A 115 12.24 0.69 -6.26
CA ASP A 115 12.29 0.70 -6.23
C ASP A 115 12.74 2.11 -6.56
C ASP A 115 12.75 2.14 -6.54
N PHE A 116 11.81 3.07 -6.62
CA PHE A 116 12.08 4.49 -6.98
C PHE A 116 13.09 5.11 -6.00
N LEU A 117 12.91 4.86 -4.70
CA LEU A 117 13.80 5.37 -3.62
C LEU A 117 15.21 4.78 -3.78
N GLN A 118 15.31 3.48 -4.01
CA GLN A 118 16.61 2.77 -4.12
C GLN A 118 17.38 3.37 -5.31
N ARG A 119 16.70 3.62 -6.42
CA ARG A 119 17.35 4.04 -7.69
C ARG A 119 17.74 5.53 -7.64
N HIS A 120 16.89 6.40 -7.08
CA HIS A 120 17.02 7.88 -7.21
CA HIS A 120 17.06 7.87 -7.22
C HIS A 120 17.46 8.51 -5.87
N ARG A 121 17.96 7.72 -4.92
CA ARG A 121 18.23 8.21 -3.55
C ARG A 121 19.10 9.48 -3.58
N ALA A 122 20.11 9.55 -4.45
CA ALA A 122 21.06 10.69 -4.50
C ALA A 122 20.34 12.00 -4.87
N ARG A 123 19.13 11.90 -5.43
CA ARG A 123 18.35 13.04 -5.99
C ARG A 123 17.23 13.47 -5.02
N LEU A 124 16.85 12.64 -4.05
CA LEU A 124 15.65 12.85 -3.21
C LEU A 124 16.06 13.27 -1.80
N ASP A 125 15.92 14.55 -1.46
CA ASP A 125 16.34 15.11 -0.16
C ASP A 125 15.22 14.91 0.87
N ALA A 126 15.44 15.35 2.11
CA ALA A 126 14.51 15.18 3.25
C ALA A 126 13.16 15.84 2.92
N SER A 127 13.18 17.03 2.30
CA SER A 127 11.97 17.78 1.88
C SER A 127 11.11 16.90 0.96
N ARG A 128 11.73 16.23 -0.01
CA ARG A 128 11.01 15.36 -0.96
C ARG A 128 10.41 14.15 -0.22
N LEU A 129 11.17 13.54 0.69
CA LEU A 129 10.65 12.38 1.48
C LEU A 129 9.44 12.83 2.31
N LEU A 130 9.45 14.05 2.85
CA LEU A 130 8.34 14.59 3.67
C LEU A 130 7.13 14.87 2.76
N LEU A 131 7.37 15.30 1.52
CA LEU A 131 6.29 15.48 0.52
C LEU A 131 5.61 14.13 0.26
N TYR A 132 6.38 13.08 -0.02
CA TYR A 132 5.81 11.73 -0.23
C TYR A 132 5.02 11.31 1.02
N SER A 133 5.60 11.54 2.21
CA SER A 133 4.98 11.18 3.52
CA SER A 133 4.98 11.16 3.51
C SER A 133 3.61 11.86 3.66
N SER A 134 3.58 13.16 3.35
CA SER A 134 2.36 14.00 3.42
CA SER A 134 2.35 14.00 3.42
C SER A 134 1.29 13.45 2.47
N GLN A 135 1.69 13.07 1.25
CA GLN A 135 0.77 12.56 0.20
C GLN A 135 0.19 11.22 0.61
N ILE A 136 1.03 10.30 1.11
CA ILE A 136 0.57 8.97 1.58
C ILE A 136 -0.41 9.18 2.73
N CYS A 137 -0.06 10.08 3.65
CA CYS A 137 -0.89 10.43 4.82
C CYS A 137 -2.27 10.95 4.37
N LYS A 138 -2.30 11.88 3.40
CA LYS A 138 -3.56 12.45 2.85
C LYS A 138 -4.39 11.34 2.19
N GLY A 139 -3.75 10.45 1.44
CA GLY A 139 -4.40 9.26 0.87
C GLY A 139 -5.03 8.39 1.96
N MET A 140 -4.30 8.16 3.04
CA MET A 140 -4.76 7.29 4.16
C MET A 140 -5.86 8.00 4.96
N GLU A 141 -5.77 9.33 5.13
CA GLU A 141 -6.85 10.14 5.75
C GLU A 141 -8.16 9.91 4.96
N TYR A 142 -8.08 9.99 3.62
CA TYR A 142 -9.23 9.76 2.72
C TYR A 142 -9.76 8.33 2.86
N LEU A 143 -8.88 7.33 2.82
CA LEU A 143 -9.27 5.91 2.99
C LEU A 143 -10.06 5.77 4.30
N GLY A 144 -9.54 6.33 5.39
CA GLY A 144 -10.18 6.30 6.72
C GLY A 144 -11.58 6.91 6.67
N SER A 145 -11.72 8.03 5.97
CA SER A 145 -13.00 8.75 5.78
C SER A 145 -14.01 7.84 5.07
N ARG A 146 -13.55 6.88 4.26
CA ARG A 146 -14.43 5.91 3.55
C ARG A 146 -14.60 4.63 4.38
N ARG A 147 -14.09 4.61 5.61
CA ARG A 147 -14.12 3.45 6.55
C ARG A 147 -13.34 2.27 5.93
N CYS A 148 -12.34 2.57 5.10
CA CYS A 148 -11.53 1.54 4.41
C CYS A 148 -10.23 1.29 5.19
N VAL A 149 -9.99 0.05 5.60
CA VAL A 149 -8.68 -0.39 6.15
C VAL A 149 -7.89 -1.02 4.99
N HIS A 150 -6.69 -0.51 4.72
CA HIS A 150 -5.82 -0.98 3.62
C HIS A 150 -5.23 -2.36 3.95
N ARG A 151 -4.62 -2.51 5.12
CA ARG A 151 -4.11 -3.79 5.73
C ARG A 151 -2.75 -4.17 5.15
N ASP A 152 -2.28 -3.52 4.07
CA ASP A 152 -1.00 -3.89 3.43
C ASP A 152 -0.21 -2.64 3.03
N LEU A 153 -0.24 -1.59 3.85
CA LEU A 153 0.50 -0.33 3.55
C LEU A 153 1.99 -0.60 3.70
N ALA A 154 2.73 -0.40 2.61
CA ALA A 154 4.19 -0.62 2.51
C ALA A 154 4.68 0.09 1.25
N ALA A 155 5.95 0.50 1.22
CA ALA A 155 6.55 1.24 0.09
C ALA A 155 6.41 0.44 -1.20
N ARG A 156 6.40 -0.90 -1.13
CA ARG A 156 6.23 -1.78 -2.32
C ARG A 156 4.84 -1.59 -2.93
N ASN A 157 3.86 -1.09 -2.16
CA ASN A 157 2.44 -0.96 -2.57
C ASN A 157 2.08 0.50 -2.81
N ILE A 158 3.07 1.37 -2.79
CA ILE A 158 2.90 2.80 -3.18
CA ILE A 158 2.92 2.81 -3.17
C ILE A 158 3.56 3.00 -4.54
N LEU A 159 2.87 3.68 -5.44
CA LEU A 159 3.33 3.89 -6.83
C LEU A 159 3.74 5.34 -7.00
N VAL A 160 4.64 5.58 -7.95
CA VAL A 160 5.18 6.94 -8.25
C VAL A 160 4.55 7.41 -9.58
N GLU A 161 3.73 8.45 -9.52
N GLU A 161 3.71 8.43 -9.51
CA GLU A 161 3.08 9.08 -10.70
CA GLU A 161 3.09 9.08 -10.70
C GLU A 161 4.09 10.05 -11.32
C GLU A 161 4.12 10.03 -11.32
N SER A 162 4.84 10.77 -10.48
CA SER A 162 5.91 11.71 -10.93
C SER A 162 6.91 11.94 -9.79
N GLU A 163 7.98 12.66 -10.12
CA GLU A 163 9.05 13.14 -9.21
C GLU A 163 8.45 13.60 -7.88
N ALA A 164 7.30 14.29 -7.91
CA ALA A 164 6.70 14.96 -6.73
C ALA A 164 5.27 14.47 -6.50
N HIS A 165 4.95 13.22 -6.83
CA HIS A 165 3.56 12.69 -6.70
C HIS A 165 3.57 11.16 -6.54
N VAL A 166 3.08 10.68 -5.39
CA VAL A 166 2.93 9.23 -5.13
C VAL A 166 1.44 8.93 -4.91
N LYS A 167 1.07 7.66 -5.09
CA LYS A 167 -0.33 7.19 -4.96
C LYS A 167 -0.31 5.81 -4.30
N ILE A 168 -1.28 5.54 -3.43
CA ILE A 168 -1.43 4.21 -2.77
C ILE A 168 -2.10 3.25 -3.75
N ALA A 169 -1.60 2.02 -3.87
CA ALA A 169 -2.20 0.95 -4.70
C ALA A 169 -2.38 -0.30 -3.84
N ASP A 170 -2.75 -1.43 -4.48
CA ASP A 170 -2.79 -2.78 -3.86
C ASP A 170 -3.91 -2.83 -2.81
N PHE A 171 -5.18 -2.84 -3.24
CA PHE A 171 -6.37 -2.90 -2.34
C PHE A 171 -6.87 -4.35 -2.25
N GLY A 172 -6.01 -5.32 -2.56
CA GLY A 172 -6.36 -6.74 -2.58
C GLY A 172 -6.73 -7.30 -1.22
N LEU A 173 -6.27 -6.66 -0.12
CA LEU A 173 -6.58 -7.07 1.27
C LEU A 173 -7.45 -6.03 1.99
N ALA A 174 -7.86 -4.97 1.30
CA ALA A 174 -8.62 -3.84 1.88
C ALA A 174 -10.01 -4.32 2.33
N LYS A 175 -10.51 -3.74 3.42
CA LYS A 175 -11.83 -4.09 4.00
C LYS A 175 -12.55 -2.79 4.38
N LEU A 176 -13.88 -2.76 4.21
CA LEU A 176 -14.73 -1.63 4.66
C LEU A 176 -15.26 -1.97 6.07
N LEU A 177 -15.07 -1.06 7.01
CA LEU A 177 -15.53 -1.22 8.42
C LEU A 177 -17.03 -0.93 8.47
N PRO A 178 -17.81 -1.80 9.15
CA PRO A 178 -19.23 -1.52 9.38
C PRO A 178 -19.36 -0.19 10.11
N LEU A 179 -20.52 0.45 10.04
CA LEU A 179 -20.75 1.79 10.65
C LEU A 179 -20.60 1.72 12.17
N ASP A 180 -20.81 0.56 12.81
CA ASP A 180 -20.88 0.45 14.29
C ASP A 180 -19.66 -0.28 14.88
N LYS A 181 -18.60 -0.51 14.09
CA LYS A 181 -17.40 -1.28 14.50
C LYS A 181 -16.16 -0.68 13.82
N ASP A 182 -15.11 -0.36 14.58
CA ASP A 182 -13.91 0.35 14.08
C ASP A 182 -12.72 -0.61 13.93
N TYR A 183 -12.96 -1.92 13.92
CA TYR A 183 -11.91 -2.96 13.69
C TYR A 183 -12.56 -4.20 13.09
N TYR A 184 -11.74 -5.11 12.55
CA TYR A 184 -12.20 -6.45 12.13
C TYR A 184 -11.13 -7.49 12.49
N VAL A 185 -11.57 -8.73 12.68
CA VAL A 185 -10.70 -9.89 13.05
C VAL A 185 -10.66 -10.82 11.84
N VAL A 186 -9.45 -11.16 11.37
CA VAL A 186 -9.21 -12.16 10.28
C VAL A 186 -8.97 -13.51 10.97
N ARG A 187 -9.40 -14.62 10.37
CA ARG A 187 -9.29 -15.96 10.99
C ARG A 187 -7.91 -16.56 10.69
N GLU A 188 -7.44 -16.48 9.44
CA GLU A 188 -6.18 -17.14 9.00
C GLU A 188 -5.02 -16.16 9.09
N PRO A 189 -3.77 -16.67 9.31
CA PRO A 189 -2.59 -15.80 9.39
C PRO A 189 -2.39 -14.99 8.11
N GLY A 190 -1.81 -13.80 8.23
CA GLY A 190 -1.43 -12.95 7.08
C GLY A 190 -0.25 -13.55 6.33
N GLN A 191 -0.06 -13.15 5.07
CA GLN A 191 1.03 -13.67 4.22
CA GLN A 191 1.02 -13.67 4.19
C GLN A 191 1.96 -12.53 3.77
N SER A 192 1.81 -11.34 4.37
CA SER A 192 2.72 -10.18 4.09
C SER A 192 3.93 -10.26 5.02
N PRO A 193 5.11 -9.72 4.62
CA PRO A 193 6.24 -9.61 5.54
C PRO A 193 5.79 -9.09 6.91
N ILE A 194 6.20 -9.78 7.98
CA ILE A 194 5.60 -9.62 9.33
C ILE A 194 6.00 -8.27 9.95
N PHE A 195 7.02 -7.58 9.41
CA PHE A 195 7.64 -6.39 10.05
C PHE A 195 6.81 -5.12 9.80
N TRP A 196 5.67 -5.23 9.10
CA TRP A 196 4.74 -4.10 8.86
C TRP A 196 3.50 -4.23 9.73
N TYR A 197 3.27 -5.38 10.37
CA TYR A 197 2.03 -5.65 11.15
C TYR A 197 2.10 -4.97 12.52
N ALA A 198 0.97 -4.42 12.96
CA ALA A 198 0.78 -3.91 14.34
C ALA A 198 0.79 -5.10 15.31
N PRO A 199 1.14 -4.91 16.60
CA PRO A 199 1.17 -6.01 17.55
C PRO A 199 -0.18 -6.74 17.69
N GLU A 200 -1.30 -6.00 17.69
CA GLU A 200 -2.67 -6.58 17.81
C GLU A 200 -2.98 -7.44 16.58
N SER A 201 -2.37 -7.15 15.43
CA SER A 201 -2.52 -7.97 14.21
C SER A 201 -1.69 -9.25 14.37
N LEU A 202 -0.45 -9.14 14.83
CA LEU A 202 0.47 -10.29 15.05
C LEU A 202 -0.15 -11.26 16.07
N SER A 203 -0.74 -10.71 17.15
CA SER A 203 -1.25 -11.48 18.31
C SER A 203 -2.65 -12.06 18.03
N ASP A 204 -3.59 -11.26 17.51
CA ASP A 204 -5.05 -11.60 17.49
C ASP A 204 -5.67 -11.35 16.11
N ASN A 205 -4.89 -11.03 15.09
CA ASN A 205 -5.36 -10.80 13.70
C ASN A 205 -6.40 -9.67 13.69
N ILE A 206 -6.24 -8.67 14.57
CA ILE A 206 -7.13 -7.48 14.65
C ILE A 206 -6.57 -6.41 13.72
N PHE A 207 -7.39 -5.90 12.81
CA PHE A 207 -7.01 -4.84 11.84
C PHE A 207 -7.97 -3.67 11.98
N SER A 208 -7.44 -2.46 11.82
CA SER A 208 -8.18 -1.19 11.99
C SER A 208 -7.44 -0.08 11.24
N ARG A 209 -8.00 1.12 11.22
CA ARG A 209 -7.31 2.31 10.66
C ARG A 209 -6.07 2.58 11.53
N GLN A 210 -6.08 2.17 12.81
CA GLN A 210 -4.96 2.39 13.76
CA GLN A 210 -4.96 2.41 13.74
C GLN A 210 -3.83 1.40 13.49
N SER A 211 -4.14 0.20 12.99
CA SER A 211 -3.10 -0.77 12.53
C SER A 211 -2.49 -0.24 11.21
N ASP A 212 -3.27 0.44 10.37
CA ASP A 212 -2.73 1.14 9.17
C ASP A 212 -1.77 2.25 9.60
N VAL A 213 -2.05 2.95 10.71
CA VAL A 213 -1.12 3.99 11.23
C VAL A 213 0.20 3.34 11.63
N TRP A 214 0.16 2.19 12.31
CA TRP A 214 1.39 1.45 12.66
C TRP A 214 2.20 1.19 11.38
N SER A 215 1.56 0.66 10.35
CA SER A 215 2.21 0.34 9.05
C SER A 215 2.77 1.62 8.42
N PHE A 216 2.06 2.74 8.54
CA PHE A 216 2.54 4.05 8.01
C PHE A 216 3.85 4.45 8.70
N GLY A 217 3.98 4.17 10.00
CA GLY A 217 5.25 4.38 10.73
C GLY A 217 6.40 3.63 10.08
N VAL A 218 6.15 2.38 9.69
CA VAL A 218 7.17 1.54 8.98
C VAL A 218 7.40 2.14 7.58
N VAL A 219 6.37 2.69 6.92
CA VAL A 219 6.56 3.37 5.60
C VAL A 219 7.46 4.60 5.78
N LEU A 220 7.30 5.38 6.85
CA LEU A 220 8.19 6.52 7.14
C LEU A 220 9.62 5.97 7.28
N TYR A 221 9.78 4.86 7.99
CA TYR A 221 11.09 4.19 8.16
C TYR A 221 11.67 3.83 6.79
N GLU A 222 10.87 3.20 5.92
CA GLU A 222 11.28 2.83 4.54
C GLU A 222 11.71 4.10 3.77
N LEU A 223 10.90 5.15 3.79
CA LEU A 223 11.22 6.43 3.10
CA LEU A 223 11.22 6.43 3.10
C LEU A 223 12.60 6.94 3.57
N PHE A 224 12.80 7.04 4.88
CA PHE A 224 14.00 7.71 5.43
C PHE A 224 15.22 6.79 5.43
N THR A 225 15.06 5.50 5.09
CA THR A 225 16.19 4.57 4.79
C THR A 225 16.36 4.39 3.28
N TYR A 226 15.53 5.05 2.46
CA TYR A 226 15.48 4.87 0.99
C TYR A 226 15.36 3.39 0.65
N CYS A 227 14.64 2.62 1.49
CA CYS A 227 14.41 1.16 1.35
C CYS A 227 15.74 0.43 1.14
N ASP A 228 16.80 0.88 1.79
CA ASP A 228 18.12 0.18 1.77
C ASP A 228 17.94 -1.17 2.46
N LYS A 229 18.28 -2.27 1.78
CA LYS A 229 18.11 -3.64 2.34
C LYS A 229 18.93 -3.82 3.61
N SER A 230 20.10 -3.16 3.71
CA SER A 230 21.07 -3.31 4.82
C SER A 230 20.46 -2.85 6.16
N CYS A 231 19.55 -1.87 6.14
CA CYS A 231 18.84 -1.43 7.37
C CYS A 231 17.33 -1.64 7.22
N SER A 232 16.93 -2.66 6.46
CA SER A 232 15.51 -3.08 6.32
C SER A 232 14.98 -3.55 7.66
N PRO A 233 13.64 -3.52 7.90
CA PRO A 233 13.07 -4.09 9.12
C PRO A 233 13.52 -5.54 9.36
N SER A 234 13.62 -6.35 8.31
CA SER A 234 14.11 -7.76 8.40
C SER A 234 15.53 -7.76 8.96
N ALA A 235 16.43 -7.00 8.34
CA ALA A 235 17.86 -6.92 8.72
C ALA A 235 17.96 -6.52 10.20
N GLU A 236 17.21 -5.50 10.62
CA GLU A 236 17.22 -4.98 12.01
C GLU A 236 16.71 -6.06 12.98
N PHE A 237 15.63 -6.77 12.64
CA PHE A 237 15.07 -7.88 13.47
C PHE A 237 16.14 -8.94 13.73
N LEU A 238 16.81 -9.41 12.66
CA LEU A 238 17.82 -10.50 12.73
C LEU A 238 18.98 -10.08 13.65
N ARG A 239 19.33 -8.80 13.70
CA ARG A 239 20.37 -8.27 14.62
C ARG A 239 19.80 -8.15 16.04
N MET A 240 18.52 -7.79 16.18
CA MET A 240 17.86 -7.49 17.48
C MET A 240 17.43 -8.78 18.17
N MET A 241 17.14 -9.85 17.41
CA MET A 241 16.66 -11.15 17.95
C MET A 241 17.84 -11.92 18.56
N VAL A 247 12.21 -20.51 19.09
CA VAL A 247 11.14 -19.46 19.21
C VAL A 247 10.77 -19.00 17.79
N PRO A 248 9.50 -19.21 17.35
CA PRO A 248 9.06 -18.73 16.04
C PRO A 248 9.31 -17.22 15.88
N ALA A 249 9.77 -16.79 14.70
CA ALA A 249 10.10 -15.38 14.38
C ALA A 249 8.94 -14.46 14.80
N LEU A 250 7.70 -14.81 14.43
CA LEU A 250 6.51 -13.97 14.69
C LEU A 250 6.36 -13.74 16.20
N SER A 251 6.53 -14.79 17.01
CA SER A 251 6.44 -14.71 18.50
CA SER A 251 6.43 -14.71 18.50
C SER A 251 7.60 -13.87 19.05
N ARG A 252 8.79 -14.03 18.48
CA ARG A 252 10.00 -13.26 18.90
C ARG A 252 9.78 -11.77 18.61
N LEU A 253 9.20 -11.43 17.45
CA LEU A 253 8.96 -10.02 17.05
C LEU A 253 7.93 -9.42 18.02
N LEU A 254 6.84 -10.15 18.29
CA LEU A 254 5.79 -9.71 19.23
C LEU A 254 6.41 -9.45 20.62
N GLU A 255 7.32 -10.32 21.08
CA GLU A 255 8.03 -10.16 22.38
C GLU A 255 8.86 -8.87 22.37
N LEU A 256 9.67 -8.66 21.33
CA LEU A 256 10.54 -7.45 21.20
C LEU A 256 9.67 -6.19 21.28
N LEU A 257 8.56 -6.18 20.54
CA LEU A 257 7.64 -5.01 20.44
C LEU A 257 6.97 -4.78 21.81
N GLU A 258 6.56 -5.85 22.50
CA GLU A 258 5.92 -5.78 23.83
C GLU A 258 6.92 -5.18 24.84
N GLU A 259 8.20 -5.53 24.73
CA GLU A 259 9.30 -5.00 25.58
C GLU A 259 9.54 -3.52 25.28
N GLY A 260 9.03 -3.01 24.16
CA GLY A 260 9.13 -1.60 23.78
C GLY A 260 10.25 -1.34 22.80
N GLN A 261 10.91 -2.39 22.31
CA GLN A 261 11.99 -2.27 21.29
C GLN A 261 11.34 -1.82 19.98
N ARG A 262 12.03 -0.94 19.25
CA ARG A 262 11.53 -0.37 17.97
C ARG A 262 12.71 -0.23 17.01
N LEU A 263 12.42 -0.09 15.72
CA LEU A 263 13.44 0.22 14.70
C LEU A 263 14.17 1.49 15.10
N PRO A 264 15.50 1.54 14.88
CA PRO A 264 16.28 2.72 15.22
C PRO A 264 16.03 3.84 14.22
N ALA A 265 16.34 5.07 14.61
CA ALA A 265 16.32 6.24 13.71
C ALA A 265 17.18 5.92 12.49
N PRO A 266 16.64 6.00 11.26
CA PRO A 266 17.45 5.86 10.06
C PRO A 266 18.66 6.78 10.04
N PRO A 267 19.76 6.39 9.35
CA PRO A 267 20.91 7.28 9.17
C PRO A 267 20.49 8.68 8.68
N ALA A 268 20.91 9.72 9.39
CA ALA A 268 20.70 11.14 9.05
C ALA A 268 19.22 11.53 9.15
N CYS A 269 18.37 10.69 9.75
CA CYS A 269 16.92 10.97 9.90
C CYS A 269 16.72 12.19 10.79
N PRO A 270 15.89 13.17 10.38
CA PRO A 270 15.51 14.28 11.27
C PRO A 270 14.87 13.71 12.53
N ALA A 271 15.27 14.19 13.71
CA ALA A 271 14.78 13.67 15.02
C ALA A 271 13.25 13.70 15.06
N GLU A 272 12.64 14.75 14.54
CA GLU A 272 11.17 14.97 14.56
C GLU A 272 10.46 13.87 13.76
N VAL A 273 11.07 13.42 12.66
CA VAL A 273 10.49 12.34 11.81
C VAL A 273 10.53 11.04 12.61
N HIS A 274 11.66 10.73 13.27
CA HIS A 274 11.79 9.51 14.11
C HIS A 274 10.80 9.58 15.27
N GLU A 275 10.57 10.76 15.84
CA GLU A 275 9.57 10.95 16.94
C GLU A 275 8.18 10.58 16.39
N LEU A 276 7.84 11.00 15.17
CA LEU A 276 6.52 10.69 14.56
C LEU A 276 6.40 9.18 14.36
N MET A 277 7.46 8.50 13.92
CA MET A 277 7.46 7.02 13.77
C MET A 277 7.09 6.39 15.11
N LYS A 278 7.74 6.82 16.19
CA LYS A 278 7.54 6.22 17.53
C LYS A 278 6.09 6.42 17.99
N LEU A 279 5.46 7.56 17.65
CA LEU A 279 4.02 7.80 17.97
C LEU A 279 3.14 6.83 17.19
N CYS A 280 3.48 6.58 15.92
CA CYS A 280 2.76 5.60 15.06
C CYS A 280 2.86 4.21 15.67
N TRP A 281 3.95 3.94 16.39
CA TRP A 281 4.26 2.61 16.97
C TRP A 281 3.88 2.57 18.45
N ALA A 282 2.92 3.39 18.91
CA ALA A 282 2.38 3.29 20.28
C ALA A 282 1.81 1.88 20.46
N PRO A 283 2.12 1.18 21.58
CA PRO A 283 1.64 -0.19 21.79
C PRO A 283 0.13 -0.38 21.64
N SER A 284 -0.68 0.51 22.23
CA SER A 284 -2.16 0.46 22.17
C SER A 284 -2.67 1.27 20.98
N PRO A 285 -3.51 0.69 20.09
CA PRO A 285 -4.01 1.39 18.91
C PRO A 285 -4.65 2.75 19.22
N GLN A 286 -5.39 2.85 20.33
CA GLN A 286 -6.13 4.07 20.73
C GLN A 286 -5.14 5.22 21.04
N ASP A 287 -3.86 4.92 21.30
CA ASP A 287 -2.84 5.94 21.67
C ASP A 287 -2.04 6.37 20.43
N ARG A 288 -2.27 5.75 19.27
CA ARG A 288 -1.59 6.15 18.01
C ARG A 288 -2.29 7.40 17.46
N PRO A 289 -1.55 8.34 16.85
CA PRO A 289 -2.16 9.51 16.24
C PRO A 289 -3.03 9.07 15.04
N SER A 290 -4.09 9.82 14.75
CA SER A 290 -4.88 9.67 13.51
C SER A 290 -4.06 10.21 12.35
N PHE A 291 -4.38 9.79 11.13
CA PHE A 291 -3.79 10.35 9.88
C PHE A 291 -4.12 11.84 9.81
N SER A 292 -5.31 12.24 10.29
CA SER A 292 -5.74 13.67 10.32
CA SER A 292 -5.76 13.67 10.33
C SER A 292 -4.77 14.48 11.18
N ALA A 293 -4.31 13.92 12.30
CA ALA A 293 -3.36 14.57 13.24
C ALA A 293 -1.95 14.56 12.64
N LEU A 294 -1.55 13.47 11.99
CA LEU A 294 -0.20 13.33 11.39
C LEU A 294 0.00 14.32 10.24
N GLY A 295 -1.03 14.54 9.42
CA GLY A 295 -0.97 15.33 8.19
C GLY A 295 -0.35 16.71 8.39
N PRO A 296 -0.93 17.55 9.28
CA PRO A 296 -0.38 18.88 9.58
C PRO A 296 1.06 18.88 10.09
N GLN A 297 1.43 17.87 10.89
CA GLN A 297 2.79 17.74 11.49
C GLN A 297 3.81 17.49 10.36
N LEU A 298 3.49 16.62 9.40
CA LEU A 298 4.36 16.34 8.23
C LEU A 298 4.48 17.62 7.36
N ASP A 299 3.36 18.29 7.11
CA ASP A 299 3.30 19.55 6.32
C ASP A 299 4.15 20.63 7.00
N MET A 300 4.10 20.70 8.34
CA MET A 300 4.89 21.68 9.15
C MET A 300 6.39 21.41 8.96
N LEU A 301 6.81 20.15 9.03
CA LEU A 301 8.23 19.74 8.87
C LEU A 301 8.69 20.02 7.44
N TRP A 302 7.83 19.77 6.45
CA TRP A 302 8.12 19.94 5.00
C TRP A 302 8.47 21.40 4.69
N SER A 303 7.76 22.36 5.31
CA SER A 303 7.90 23.82 5.11
C SER A 303 8.23 24.51 6.43
#